data_5YVE
#
_entry.id   5YVE
#
_cell.length_a   119.613
_cell.length_b   119.613
_cell.length_c   235.691
_cell.angle_alpha   90.00
_cell.angle_beta   90.00
_cell.angle_gamma   120.00
#
_symmetry.space_group_name_H-M   'H 3 2'
#
loop_
_entity.id
_entity.type
_entity.pdbx_description
1 polymer 'P2X purinoceptor 3'
2 non-polymer 'MAGNESIUM ION'
3 non-polymer 'SODIUM ION'
4 non-polymer 2-acetamido-2-deoxy-beta-D-glucopyranose
5 non-polymer 5-[2,4-bis(azanyl)pyrimidin-5-yl]oxy-2-methoxy-4-propan-2-yl-benzenesulfonamide
#
_entity_poly.entity_id   1
_entity_poly.type   'polypeptide(L)'
_entity_poly.pdbx_seq_one_letter_code
;SREFDFFTYETPKVIVVKSWTIGIINRVVQLLIISYFVGWVFLHEKAYQVRDTAIESSVVTKVKGSGLYANRVMDVSDYV
TPPQGTSVFVIITKMIVTENQMQGFCPESEEKYRCVSDSQCGPERLPGGGILTGRCVNYSSVLRTCEIQGWCPTEVDTVE
TPIMMEAENFTIFIKNSIRFPLFNFEKGNLLPNLTARDMKTCRFHPDKDPFCPILRVGDVVKFAGQDFAKLARTGGVLGI
KIGWVCDLDKAWDQCIPKYSFTRLDSVSEKSSVSPGYNFRFAKYYKMENGSEYRTLLKAFGIRFDVLVYGNAGKFNIIPT
IISSVAAFTSVGVGTVLCDIILLNFLKGADQYKAKKFEEVNET
;
_entity_poly.pdbx_strand_id   A
#
loop_
_chem_comp.id
_chem_comp.type
_chem_comp.name
_chem_comp.formula
AF9 non-polymer 5-[2,4-bis(azanyl)pyrimidin-5-yl]oxy-2-methoxy-4-propan-2-yl-benzenesulfonamide 'C14 H19 N5 O4 S'
MG non-polymer 'MAGNESIUM ION' 'Mg 2'
NA non-polymer 'SODIUM ION' 'Na 1'
NAG D-saccharide, beta linking 2-acetamido-2-deoxy-beta-D-glucopyranose 'C8 H15 N O6'
#
# COMPACT_ATOMS: atom_id res chain seq x y z
N TRP A 20 1.95 63.37 -22.80
CA TRP A 20 1.48 63.63 -21.45
C TRP A 20 2.20 62.73 -20.44
N THR A 21 2.53 63.31 -19.28
CA THR A 21 3.12 62.50 -18.21
C THR A 21 2.14 61.47 -17.68
N ILE A 22 0.84 61.68 -17.86
CA ILE A 22 -0.15 60.68 -17.50
C ILE A 22 -0.04 59.44 -18.38
N GLY A 23 0.62 59.56 -19.53
CA GLY A 23 0.87 58.38 -20.34
C GLY A 23 1.84 57.42 -19.66
N ILE A 24 2.86 57.97 -19.00
CA ILE A 24 3.85 57.15 -18.31
C ILE A 24 3.45 56.89 -16.86
N ILE A 25 2.53 57.66 -16.29
CA ILE A 25 1.97 57.28 -15.00
C ILE A 25 0.96 56.15 -15.17
N ASN A 26 0.08 56.26 -16.18
CA ASN A 26 -0.81 55.15 -16.51
C ASN A 26 -0.02 53.91 -16.93
N ARG A 27 0.93 54.08 -17.84
CA ARG A 27 1.89 53.05 -18.19
C ARG A 27 2.53 52.40 -16.98
N VAL A 28 3.25 53.19 -16.18
CA VAL A 28 4.02 52.65 -15.05
C VAL A 28 3.10 51.91 -14.09
N VAL A 29 1.92 52.48 -13.79
CA VAL A 29 0.99 51.81 -12.88
C VAL A 29 0.56 50.46 -13.44
N GLN A 30 0.11 50.46 -14.70
CA GLN A 30 -0.12 49.25 -15.49
C GLN A 30 0.99 48.21 -15.29
N LEU A 31 2.21 48.56 -15.67
CA LEU A 31 3.37 47.70 -15.52
C LEU A 31 3.46 47.11 -14.11
N LEU A 32 3.29 47.95 -13.09
CA LEU A 32 3.45 47.50 -11.71
C LEU A 32 2.41 46.45 -11.35
N ILE A 33 1.13 46.74 -11.61
CA ILE A 33 0.07 45.81 -11.24
C ILE A 33 0.25 44.48 -11.96
N ILE A 34 0.40 44.52 -13.29
CA ILE A 34 0.55 43.29 -14.06
C ILE A 34 1.76 42.49 -13.56
N SER A 35 2.88 43.19 -13.35
CA SER A 35 4.08 42.56 -12.83
C SER A 35 3.81 41.87 -11.50
N TYR A 36 2.98 42.47 -10.64
CA TYR A 36 2.68 41.83 -9.37
C TYR A 36 1.90 40.54 -9.57
N PHE A 37 0.82 40.59 -10.36
CA PHE A 37 0.07 39.37 -10.65
C PHE A 37 1.00 38.24 -11.11
N VAL A 38 1.77 38.51 -12.17
CA VAL A 38 2.65 37.48 -12.73
C VAL A 38 3.62 36.98 -11.67
N GLY A 39 4.28 37.90 -10.98
CA GLY A 39 5.28 37.52 -10.00
C GLY A 39 4.73 36.62 -8.91
N TRP A 40 3.53 36.93 -8.41
CA TRP A 40 2.93 36.07 -7.41
C TRP A 40 2.62 34.69 -7.98
N VAL A 41 2.14 34.64 -9.22
CA VAL A 41 1.83 33.34 -9.83
C VAL A 41 3.07 32.48 -9.94
N PHE A 42 4.16 33.03 -10.51
CA PHE A 42 5.36 32.24 -10.70
C PHE A 42 6.02 31.87 -9.36
N LEU A 43 6.16 32.86 -8.47
CA LEU A 43 6.77 32.59 -7.17
C LEU A 43 5.98 31.55 -6.38
N HIS A 44 4.65 31.51 -6.56
CA HIS A 44 3.84 30.49 -5.91
C HIS A 44 4.28 29.09 -6.31
N GLU A 45 4.20 28.78 -7.60
CA GLU A 45 4.51 27.44 -8.09
C GLU A 45 6.00 27.13 -8.06
N LYS A 46 6.83 28.05 -7.56
CA LYS A 46 8.28 27.86 -7.51
C LYS A 46 8.85 27.43 -8.86
N ALA A 47 8.31 28.05 -9.93
CA ALA A 47 8.76 27.72 -11.28
C ALA A 47 10.25 27.95 -11.47
N TYR A 48 10.87 28.70 -10.58
CA TYR A 48 12.30 28.91 -10.52
C TYR A 48 13.06 27.69 -10.02
N GLN A 49 12.40 26.55 -9.84
CA GLN A 49 13.03 25.36 -9.27
C GLN A 49 13.04 24.21 -10.27
N VAL A 50 14.18 23.52 -10.34
CA VAL A 50 14.21 22.19 -10.92
C VAL A 50 13.76 21.20 -9.86
N ARG A 51 13.04 20.17 -10.28
CA ARG A 51 12.40 19.24 -9.36
C ARG A 51 12.93 17.83 -9.57
N ASP A 52 13.17 17.13 -8.46
CA ASP A 52 13.56 15.73 -8.46
C ASP A 52 12.39 14.91 -7.91
N THR A 53 11.94 13.92 -8.69
CA THR A 53 10.79 13.12 -8.33
C THR A 53 11.14 11.63 -8.25
N ALA A 54 12.43 11.29 -8.31
CA ALA A 54 12.86 9.90 -8.24
C ALA A 54 13.46 9.62 -6.87
N ILE A 55 12.57 9.57 -5.87
CA ILE A 55 13.00 9.34 -4.50
C ILE A 55 13.51 7.90 -4.37
N GLU A 56 14.74 7.77 -3.87
CA GLU A 56 15.37 6.47 -3.65
C GLU A 56 15.18 6.13 -2.18
N SER A 57 14.17 5.32 -1.88
CA SER A 57 13.80 5.01 -0.52
C SER A 57 14.18 3.59 -0.14
N SER A 58 14.44 3.40 1.15
CA SER A 58 14.62 2.10 1.76
C SER A 58 13.76 2.04 3.02
N VAL A 59 13.05 0.93 3.20
CA VAL A 59 12.08 0.79 4.28
C VAL A 59 12.40 -0.50 5.03
N VAL A 60 12.42 -0.42 6.35
CA VAL A 60 12.58 -1.57 7.23
C VAL A 60 11.51 -1.50 8.31
N THR A 61 10.77 -2.59 8.50
CA THR A 61 9.62 -2.60 9.40
C THR A 61 9.78 -3.68 10.44
N LYS A 62 9.19 -3.45 11.62
CA LYS A 62 9.16 -4.45 12.69
C LYS A 62 7.78 -4.48 13.34
N VAL A 63 7.22 -5.69 13.48
CA VAL A 63 5.94 -5.88 14.13
C VAL A 63 6.17 -6.35 15.56
N LYS A 64 5.39 -5.80 16.49
CA LYS A 64 5.41 -6.20 17.89
C LYS A 64 4.01 -6.64 18.30
N GLY A 65 3.93 -7.76 19.00
CA GLY A 65 2.67 -8.25 19.52
C GLY A 65 2.50 -9.76 19.51
N SER A 66 1.53 -10.25 20.27
CA SER A 66 1.19 -11.67 20.29
C SER A 66 -0.32 -11.82 20.37
N GLY A 67 -0.85 -12.76 19.57
CA GLY A 67 -2.29 -12.97 19.49
C GLY A 67 -2.67 -14.37 19.94
N LEU A 68 -3.98 -14.58 20.05
CA LEU A 68 -4.55 -15.87 20.42
C LEU A 68 -5.41 -16.39 19.28
N TYR A 69 -5.27 -17.69 19.01
CA TYR A 69 -5.98 -18.32 17.90
C TYR A 69 -6.25 -19.77 18.30
N ALA A 70 -7.52 -20.17 18.27
CA ALA A 70 -7.95 -21.48 18.78
C ALA A 70 -7.44 -21.59 20.21
N ASN A 71 -6.67 -22.62 20.57
CA ASN A 71 -6.08 -22.74 21.89
C ASN A 71 -4.56 -22.56 21.84
N ARG A 72 -4.07 -21.84 20.85
CA ARG A 72 -2.64 -21.65 20.65
C ARG A 72 -2.33 -20.16 20.54
N VAL A 73 -1.09 -19.82 20.88
CA VAL A 73 -0.61 -18.44 20.85
C VAL A 73 0.22 -18.23 19.60
N MET A 74 0.00 -17.11 18.91
CA MET A 74 0.78 -16.73 17.75
C MET A 74 1.68 -15.55 18.11
N ASP A 75 2.97 -15.72 17.87
CA ASP A 75 3.94 -14.65 18.02
C ASP A 75 4.49 -14.24 16.66
N VAL A 76 5.29 -13.18 16.65
CA VAL A 76 5.63 -12.48 15.41
C VAL A 76 6.14 -13.44 14.34
N SER A 77 6.92 -14.44 14.76
CA SER A 77 7.40 -15.44 13.80
C SER A 77 6.27 -16.30 13.25
N ASP A 78 5.13 -16.36 13.93
CA ASP A 78 4.06 -17.25 13.50
C ASP A 78 3.15 -16.59 12.48
N TYR A 79 2.86 -15.29 12.63
CA TYR A 79 1.84 -14.64 11.83
C TYR A 79 2.35 -13.56 10.89
N VAL A 80 3.63 -13.19 10.95
CA VAL A 80 4.19 -12.18 10.05
C VAL A 80 4.96 -12.88 8.94
N THR A 81 4.73 -12.46 7.71
CA THR A 81 5.43 -13.02 6.55
C THR A 81 5.50 -11.99 5.41
N PRO A 82 6.70 -11.79 4.83
CA PRO A 82 7.99 -12.40 5.18
C PRO A 82 8.60 -11.83 6.46
N PRO A 83 9.51 -12.57 7.09
CA PRO A 83 10.05 -12.13 8.38
C PRO A 83 11.10 -11.03 8.28
N GLN A 84 11.59 -10.70 7.09
CA GLN A 84 12.72 -9.78 6.97
C GLN A 84 12.34 -8.33 7.27
N GLY A 85 11.06 -7.99 7.22
CA GLY A 85 10.65 -6.61 7.39
C GLY A 85 10.79 -5.80 6.13
N THR A 86 10.17 -6.28 5.04
CA THR A 86 10.21 -5.59 3.76
C THR A 86 9.09 -4.56 3.70
N SER A 87 9.06 -3.80 2.60
CA SER A 87 8.02 -2.78 2.43
C SER A 87 6.63 -3.40 2.27
N VAL A 88 6.54 -4.68 1.94
CA VAL A 88 5.28 -5.39 1.82
C VAL A 88 5.34 -6.64 2.69
N PHE A 89 4.48 -6.68 3.72
CA PHE A 89 4.42 -7.79 4.66
C PHE A 89 2.97 -8.01 5.05
N VAL A 90 2.68 -9.20 5.58
CA VAL A 90 1.33 -9.58 5.94
C VAL A 90 1.29 -9.93 7.42
N ILE A 91 0.32 -9.37 8.13
CA ILE A 91 -0.07 -9.85 9.45
C ILE A 91 -1.22 -10.84 9.25
N ILE A 92 -1.01 -12.09 9.63
CA ILE A 92 -2.01 -13.13 9.42
C ILE A 92 -3.02 -13.08 10.55
N THR A 93 -4.30 -12.85 10.21
CA THR A 93 -5.35 -12.72 11.20
C THR A 93 -6.28 -13.92 11.28
N LYS A 94 -6.40 -14.71 10.22
CA LYS A 94 -7.27 -15.88 10.24
C LYS A 94 -6.69 -16.92 9.30
N MET A 95 -6.73 -18.19 9.67
CA MET A 95 -6.16 -19.21 8.80
C MET A 95 -6.98 -20.49 8.82
N ILE A 96 -6.92 -21.20 7.71
CA ILE A 96 -7.64 -22.45 7.49
C ILE A 96 -6.59 -23.55 7.35
N VAL A 97 -6.63 -24.52 8.26
CA VAL A 97 -5.63 -25.57 8.33
C VAL A 97 -6.20 -26.86 7.73
N THR A 98 -5.42 -27.47 6.86
CA THR A 98 -5.67 -28.82 6.34
C THR A 98 -4.46 -29.66 6.72
N GLU A 99 -4.59 -30.42 7.80
CA GLU A 99 -3.45 -31.07 8.42
C GLU A 99 -3.20 -32.45 7.84
N ASN A 100 -1.91 -32.77 7.66
CA ASN A 100 -1.45 -34.12 7.32
C ASN A 100 -1.98 -34.56 5.95
N GLN A 101 -1.67 -33.77 4.93
CA GLN A 101 -1.95 -34.16 3.56
C GLN A 101 -0.87 -35.12 3.05
N MET A 102 -1.27 -36.00 2.13
CA MET A 102 -0.35 -36.97 1.54
C MET A 102 -0.73 -37.21 0.09
N GLN A 103 0.29 -37.50 -0.73
CA GLN A 103 0.02 -37.76 -2.13
C GLN A 103 -0.87 -38.99 -2.28
N GLY A 104 -1.92 -38.85 -3.08
CA GLY A 104 -2.85 -39.95 -3.26
C GLY A 104 -3.98 -39.58 -4.21
N PHE A 105 -5.05 -40.35 -4.15
CA PHE A 105 -6.23 -40.14 -4.99
C PHE A 105 -7.44 -39.94 -4.08
N CYS A 106 -8.24 -38.94 -4.36
CA CYS A 106 -9.40 -38.66 -3.53
C CYS A 106 -10.37 -37.79 -4.30
N PRO A 107 -11.67 -37.86 -3.98
CA PRO A 107 -12.64 -36.94 -4.58
C PRO A 107 -12.38 -35.53 -4.09
N GLU A 108 -12.31 -34.59 -5.03
CA GLU A 108 -12.18 -33.21 -4.61
C GLU A 108 -13.50 -32.73 -3.99
N SER A 109 -13.41 -31.73 -3.12
CA SER A 109 -14.53 -31.27 -2.32
C SER A 109 -15.28 -30.09 -2.93
N GLU A 110 -14.71 -29.40 -3.92
CA GLU A 110 -15.37 -28.23 -4.47
C GLU A 110 -16.46 -28.65 -5.47
N GLU A 111 -17.67 -28.13 -5.21
CA GLU A 111 -18.87 -28.56 -5.92
C GLU A 111 -18.70 -28.45 -7.43
N LYS A 112 -17.86 -27.51 -7.88
CA LYS A 112 -17.66 -27.26 -9.31
C LYS A 112 -17.03 -28.45 -10.04
N TYR A 113 -16.60 -29.47 -9.32
CA TYR A 113 -16.10 -30.72 -9.88
C TYR A 113 -17.18 -31.79 -10.01
N ARG A 114 -18.43 -31.45 -9.66
CA ARG A 114 -19.56 -32.36 -9.67
C ARG A 114 -19.62 -33.16 -10.95
N CYS A 115 -20.00 -34.44 -10.85
CA CYS A 115 -20.20 -35.24 -12.04
C CYS A 115 -21.32 -36.25 -11.78
N VAL A 116 -21.81 -36.83 -12.88
CA VAL A 116 -22.71 -37.97 -12.83
C VAL A 116 -22.07 -39.23 -13.37
N SER A 117 -21.22 -39.12 -14.39
CA SER A 117 -20.53 -40.26 -14.97
C SER A 117 -19.07 -39.90 -15.18
N ASP A 118 -18.22 -40.92 -15.31
CA ASP A 118 -16.82 -40.68 -15.62
C ASP A 118 -16.61 -40.06 -16.99
N SER A 119 -17.66 -40.02 -17.82
CA SER A 119 -17.57 -39.35 -19.11
C SER A 119 -17.33 -37.85 -18.94
N GLN A 120 -17.87 -37.25 -17.89
CA GLN A 120 -17.70 -35.83 -17.64
C GLN A 120 -16.60 -35.53 -16.62
N CYS A 121 -15.59 -36.40 -16.55
CA CYS A 121 -14.36 -36.11 -15.81
C CYS A 121 -13.15 -36.30 -16.70
N GLY A 122 -13.30 -36.04 -18.00
CA GLY A 122 -12.20 -36.11 -18.92
C GLY A 122 -11.29 -34.91 -18.80
N PRO A 123 -10.26 -34.87 -19.65
CA PRO A 123 -9.30 -33.76 -19.57
C PRO A 123 -9.89 -32.42 -19.99
N GLU A 124 -10.93 -32.41 -20.83
CA GLU A 124 -11.52 -31.17 -21.28
C GLU A 124 -12.29 -30.42 -20.19
N ARG A 125 -12.48 -31.02 -19.02
CA ARG A 125 -13.22 -30.37 -17.95
C ARG A 125 -12.26 -29.68 -16.99
N LEU A 126 -12.53 -28.39 -16.73
CA LEU A 126 -11.70 -27.54 -15.88
C LEU A 126 -10.23 -27.75 -16.23
N PRO A 127 -9.83 -27.30 -17.43
CA PRO A 127 -8.46 -27.59 -17.88
C PRO A 127 -7.39 -26.92 -17.04
N GLY A 128 -7.70 -25.77 -16.45
CA GLY A 128 -6.79 -25.11 -15.53
C GLY A 128 -6.90 -25.55 -14.10
N GLY A 129 -7.88 -26.40 -13.78
CA GLY A 129 -8.05 -26.90 -12.44
C GLY A 129 -7.00 -27.91 -12.04
N GLY A 130 -7.39 -28.89 -11.23
CA GLY A 130 -6.46 -29.89 -10.74
C GLY A 130 -6.18 -30.98 -11.75
N ILE A 131 -5.45 -31.99 -11.30
CA ILE A 131 -5.14 -33.17 -12.11
C ILE A 131 -6.26 -34.18 -11.90
N LEU A 132 -7.12 -34.34 -12.91
CA LEU A 132 -8.23 -35.28 -12.82
C LEU A 132 -7.74 -36.69 -13.17
N THR A 133 -8.08 -37.65 -12.32
CA THR A 133 -7.76 -39.04 -12.62
C THR A 133 -8.68 -39.62 -13.69
N GLY A 134 -9.95 -39.20 -13.70
CA GLY A 134 -10.94 -39.71 -14.62
C GLY A 134 -12.09 -40.43 -13.96
N ARG A 135 -12.01 -40.73 -12.67
CA ARG A 135 -13.07 -41.44 -11.97
C ARG A 135 -14.04 -40.46 -11.33
N CYS A 136 -15.33 -40.65 -11.60
CA CYS A 136 -16.39 -40.00 -10.84
C CYS A 136 -16.66 -40.81 -9.59
N VAL A 137 -16.29 -40.26 -8.43
CA VAL A 137 -16.35 -40.99 -7.18
C VAL A 137 -17.21 -40.22 -6.19
N ASN A 138 -17.70 -40.95 -5.18
CA ASN A 138 -18.58 -40.38 -4.16
C ASN A 138 -17.73 -39.79 -3.04
N TYR A 139 -17.56 -38.47 -3.07
CA TYR A 139 -16.95 -37.76 -1.94
C TYR A 139 -17.73 -38.02 -0.66
N SER A 140 -19.03 -37.71 -0.69
CA SER A 140 -19.92 -38.01 0.42
C SER A 140 -21.19 -38.64 -0.12
N SER A 141 -22.23 -38.76 0.71
CA SER A 141 -23.48 -39.34 0.24
C SER A 141 -24.34 -38.34 -0.50
N VAL A 142 -24.05 -37.05 -0.37
CA VAL A 142 -24.83 -36.00 -1.02
C VAL A 142 -24.11 -35.38 -2.19
N LEU A 143 -22.84 -35.71 -2.41
CA LEU A 143 -22.09 -35.04 -3.46
C LEU A 143 -21.13 -36.02 -4.11
N ARG A 144 -21.16 -36.10 -5.44
CA ARG A 144 -20.28 -36.97 -6.22
C ARG A 144 -19.45 -36.09 -7.15
N THR A 145 -18.13 -36.09 -6.95
CA THR A 145 -17.20 -35.26 -7.69
C THR A 145 -16.15 -36.10 -8.39
N CYS A 146 -15.49 -35.50 -9.38
CA CYS A 146 -14.36 -36.17 -10.03
C CYS A 146 -13.25 -36.42 -9.03
N GLU A 147 -12.63 -37.60 -9.14
CA GLU A 147 -11.48 -37.90 -8.31
C GLU A 147 -10.23 -37.25 -8.89
N ILE A 148 -9.30 -36.90 -8.01
CA ILE A 148 -8.08 -36.22 -8.41
C ILE A 148 -6.89 -36.89 -7.72
N GLN A 149 -5.75 -36.85 -8.41
CA GLN A 149 -4.46 -37.23 -7.86
C GLN A 149 -3.76 -35.98 -7.36
N GLY A 150 -3.26 -36.03 -6.14
CA GLY A 150 -2.61 -34.88 -5.53
C GLY A 150 -2.65 -35.01 -4.02
N TRP A 151 -2.57 -33.86 -3.36
CA TRP A 151 -2.60 -33.82 -1.90
C TRP A 151 -3.99 -34.20 -1.41
N CYS A 152 -4.08 -35.35 -0.76
CA CYS A 152 -5.32 -35.88 -0.22
C CYS A 152 -5.20 -35.91 1.30
N PRO A 153 -6.28 -35.53 2.02
CA PRO A 153 -7.58 -35.12 1.47
C PRO A 153 -7.58 -33.70 0.90
N THR A 154 -8.57 -33.39 0.08
CA THR A 154 -8.64 -32.08 -0.53
C THR A 154 -9.02 -31.02 0.50
N GLU A 155 -8.79 -29.77 0.12
CA GLU A 155 -9.12 -28.65 1.00
C GLU A 155 -10.62 -28.41 1.01
N VAL A 156 -11.11 -27.92 2.15
CA VAL A 156 -12.51 -27.55 2.32
C VAL A 156 -12.53 -26.07 2.70
N ASP A 157 -12.53 -25.21 1.69
CA ASP A 157 -12.44 -23.76 1.88
C ASP A 157 -13.82 -23.10 1.95
N THR A 158 -14.77 -23.68 2.68
CA THR A 158 -16.10 -23.11 2.83
C THR A 158 -16.57 -23.14 4.28
N VAL A 159 -15.63 -23.13 5.23
CA VAL A 159 -15.98 -23.18 6.65
C VAL A 159 -15.70 -21.81 7.24
N GLU A 160 -15.95 -21.64 8.54
CA GLU A 160 -15.68 -20.40 9.25
C GLU A 160 -14.77 -20.70 10.45
N THR A 161 -13.82 -19.81 10.69
CA THR A 161 -12.80 -19.96 11.70
C THR A 161 -12.67 -18.65 12.49
N PRO A 162 -12.03 -18.69 13.66
CA PRO A 162 -11.85 -17.45 14.42
C PRO A 162 -10.84 -16.53 13.76
N ILE A 163 -10.72 -15.33 14.30
CA ILE A 163 -9.73 -14.35 13.85
C ILE A 163 -8.99 -13.84 15.07
N MET A 164 -7.67 -13.63 14.90
CA MET A 164 -6.82 -13.10 15.96
C MET A 164 -7.20 -11.66 16.28
N MET A 165 -7.98 -11.44 17.34
CA MET A 165 -8.37 -10.09 17.71
C MET A 165 -7.18 -9.27 18.19
N GLU A 166 -6.25 -9.91 18.92
CA GLU A 166 -5.11 -9.19 19.48
C GLU A 166 -4.29 -8.47 18.41
N ALA A 167 -4.49 -8.81 17.12
CA ALA A 167 -3.79 -8.11 16.06
C ALA A 167 -4.07 -6.62 16.11
N GLU A 168 -5.12 -6.20 16.83
CA GLU A 168 -5.45 -4.79 16.84
C GLU A 168 -4.45 -4.02 17.68
N ASN A 169 -3.83 -4.70 18.63
CA ASN A 169 -2.94 -4.07 19.57
C ASN A 169 -1.49 -4.28 19.18
N PHE A 170 -1.27 -4.77 17.96
CA PHE A 170 0.07 -4.94 17.44
C PHE A 170 0.59 -3.60 16.91
N THR A 171 1.91 -3.48 16.84
CA THR A 171 2.53 -2.23 16.39
C THR A 171 3.50 -2.49 15.25
N ILE A 172 3.45 -1.59 14.26
CA ILE A 172 4.35 -1.60 13.11
C ILE A 172 5.29 -0.40 13.26
N PHE A 173 6.59 -0.68 13.38
CA PHE A 173 7.59 0.36 13.50
C PHE A 173 8.28 0.48 12.14
N ILE A 174 8.23 1.68 11.56
CA ILE A 174 8.54 1.90 10.15
C ILE A 174 9.76 2.81 10.08
N LYS A 175 10.94 2.21 10.00
CA LYS A 175 12.16 2.94 9.67
C LYS A 175 12.18 3.19 8.17
N ASN A 176 12.47 4.43 7.76
CA ASN A 176 12.49 4.77 6.34
C ASN A 176 13.58 5.80 6.08
N SER A 177 14.46 5.49 5.13
CA SER A 177 15.59 6.35 4.76
C SER A 177 15.51 6.65 3.28
N ILE A 178 15.44 7.93 2.93
CA ILE A 178 15.22 8.36 1.56
C ILE A 178 16.39 9.22 1.09
N ARG A 179 16.53 9.29 -0.23
CA ARG A 179 17.58 10.08 -0.86
C ARG A 179 17.08 10.64 -2.18
N PHE A 180 17.18 11.96 -2.35
CA PHE A 180 16.94 12.61 -3.62
C PHE A 180 18.26 12.64 -4.38
N PRO A 181 18.43 11.84 -5.44
CA PRO A 181 19.76 11.68 -6.04
C PRO A 181 20.20 12.87 -6.87
N LEU A 182 19.26 13.60 -7.47
CA LEU A 182 19.62 14.82 -8.20
C LEU A 182 20.37 15.79 -7.30
N PHE A 183 19.94 15.92 -6.05
CA PHE A 183 20.58 16.80 -5.10
C PHE A 183 21.40 16.05 -4.06
N ASN A 184 21.43 14.71 -4.12
CA ASN A 184 22.18 13.89 -3.18
C ASN A 184 21.78 14.21 -1.74
N PHE A 185 20.47 14.37 -1.51
CA PHE A 185 19.95 14.80 -0.23
C PHE A 185 19.28 13.59 0.43
N GLU A 186 19.91 13.05 1.47
CA GLU A 186 19.39 11.86 2.14
C GLU A 186 19.01 12.19 3.58
N LYS A 187 17.82 11.73 3.98
CA LYS A 187 17.27 11.95 5.30
C LYS A 187 16.39 10.77 5.68
N GLY A 188 16.16 10.60 6.98
CA GLY A 188 15.29 9.56 7.49
C GLY A 188 14.09 10.12 8.23
N ASN A 189 13.15 9.21 8.56
CA ASN A 189 11.92 9.57 9.25
C ASN A 189 12.00 9.34 10.76
N LEU A 190 13.18 8.99 11.28
CA LEU A 190 13.40 8.89 12.72
C LEU A 190 13.88 10.25 13.20
N LEU A 191 12.95 11.06 13.71
CA LEU A 191 13.23 12.45 14.08
C LEU A 191 12.86 12.68 15.54
N PRO A 192 13.80 12.54 16.46
CA PRO A 192 13.45 12.65 17.89
C PRO A 192 13.05 14.06 18.29
N ASN A 193 13.65 15.08 17.68
CA ASN A 193 13.28 16.45 17.98
C ASN A 193 11.89 16.82 17.48
N LEU A 194 11.23 15.92 16.76
CA LEU A 194 9.92 16.17 16.19
C LEU A 194 8.81 15.34 16.83
N THR A 195 9.12 14.57 17.87
CA THR A 195 8.13 13.74 18.55
C THR A 195 7.95 14.20 20.00
N ALA A 196 6.68 14.23 20.42
CA ALA A 196 6.35 14.59 21.80
C ALA A 196 6.96 13.63 22.79
N ARG A 197 6.99 12.33 22.46
CA ARG A 197 7.41 11.29 23.39
C ARG A 197 8.70 10.62 22.93
N ASP A 198 9.39 10.00 23.89
CA ASP A 198 10.53 9.13 23.59
C ASP A 198 10.15 8.14 22.51
N MET A 199 11.15 7.71 21.74
CA MET A 199 10.87 7.00 20.50
C MET A 199 10.03 5.76 20.72
N LYS A 200 10.37 4.97 21.75
CA LYS A 200 9.70 3.69 21.96
C LYS A 200 8.29 3.88 22.53
N THR A 201 8.10 4.83 23.44
CA THR A 201 6.79 5.00 24.05
C THR A 201 5.77 5.67 23.12
N CYS A 202 6.23 6.36 22.09
CA CYS A 202 5.33 7.12 21.23
C CYS A 202 4.52 6.20 20.31
N ARG A 203 3.35 6.71 19.90
CA ARG A 203 2.49 6.09 18.92
C ARG A 203 1.97 7.17 17.97
N PHE A 204 1.83 6.83 16.70
CA PHE A 204 1.49 7.82 15.69
C PHE A 204 0.01 8.22 15.78
N HIS A 205 -0.22 9.51 15.96
CA HIS A 205 -1.52 10.13 15.76
C HIS A 205 -1.35 11.23 14.71
N PRO A 206 -2.22 11.30 13.69
CA PRO A 206 -2.02 12.30 12.62
C PRO A 206 -1.95 13.72 13.13
N ASP A 207 -2.52 14.00 14.31
CA ASP A 207 -2.45 15.31 14.93
C ASP A 207 -1.54 15.34 16.15
N LYS A 208 -1.75 14.44 17.11
CA LYS A 208 -1.01 14.49 18.37
C LYS A 208 0.46 14.12 18.23
N ASP A 209 0.83 13.35 17.20
CA ASP A 209 2.23 13.01 16.98
C ASP A 209 2.41 12.51 15.55
N PRO A 210 2.59 13.42 14.59
CA PRO A 210 2.59 13.02 13.17
C PRO A 210 3.93 12.51 12.67
N PHE A 211 4.94 12.42 13.54
CA PHE A 211 6.27 12.01 13.14
C PHE A 211 6.77 10.82 13.94
N CYS A 212 5.92 10.26 14.78
CA CYS A 212 6.24 9.05 15.51
C CYS A 212 6.21 7.85 14.57
N PRO A 213 7.30 7.09 14.43
CA PRO A 213 7.34 6.01 13.45
C PRO A 213 6.69 4.72 13.92
N ILE A 214 6.09 4.68 15.10
CA ILE A 214 5.43 3.48 15.61
C ILE A 214 3.93 3.67 15.42
N LEU A 215 3.35 2.83 14.58
CA LEU A 215 1.93 2.90 14.25
C LEU A 215 1.24 1.70 14.88
N ARG A 216 0.01 1.90 15.32
CA ARG A 216 -0.78 0.79 15.85
C ARG A 216 -1.58 0.19 14.71
N VAL A 217 -1.63 -1.14 14.65
CA VAL A 217 -2.31 -1.81 13.54
C VAL A 217 -3.74 -1.31 13.42
N GLY A 218 -4.49 -1.39 14.52
CA GLY A 218 -5.86 -0.88 14.53
C GLY A 218 -5.95 0.59 14.13
N ASP A 219 -4.93 1.38 14.49
CA ASP A 219 -4.87 2.76 14.03
C ASP A 219 -4.85 2.82 12.51
N VAL A 220 -3.80 2.27 11.90
CA VAL A 220 -3.68 2.24 10.43
C VAL A 220 -4.95 1.70 9.79
N VAL A 221 -5.65 0.78 10.48
CA VAL A 221 -6.94 0.31 10.00
C VAL A 221 -7.96 1.46 10.02
N LYS A 222 -7.94 2.27 11.07
CA LYS A 222 -8.98 3.29 11.24
C LYS A 222 -8.70 4.52 10.38
N PHE A 223 -7.42 4.90 10.25
CA PHE A 223 -7.05 5.98 9.34
C PHE A 223 -7.37 5.60 7.90
N ALA A 224 -7.19 4.33 7.56
CA ALA A 224 -7.74 3.78 6.34
C ALA A 224 -9.26 3.81 6.33
N GLY A 225 -9.89 4.01 7.48
CA GLY A 225 -11.33 4.13 7.49
C GLY A 225 -12.04 2.81 7.31
N GLN A 226 -11.50 1.74 7.88
CA GLN A 226 -12.11 0.45 7.67
C GLN A 226 -12.17 -0.30 8.98
N ASP A 227 -13.02 -1.32 9.04
CA ASP A 227 -13.31 -1.96 10.30
C ASP A 227 -12.41 -3.17 10.42
N PHE A 228 -11.72 -3.28 11.56
CA PHE A 228 -10.83 -4.40 11.77
C PHE A 228 -11.61 -5.70 11.70
N ALA A 229 -12.71 -5.84 12.44
CA ALA A 229 -13.39 -7.15 12.44
C ALA A 229 -13.57 -7.66 11.01
N LYS A 230 -14.22 -6.86 10.17
CA LYS A 230 -14.50 -7.26 8.79
C LYS A 230 -13.23 -7.52 8.00
N LEU A 231 -12.32 -6.54 7.97
CA LEU A 231 -11.03 -6.70 7.31
C LEU A 231 -10.29 -7.96 7.72
N ALA A 232 -9.98 -8.07 9.02
CA ALA A 232 -9.38 -9.28 9.59
C ALA A 232 -10.01 -10.53 9.06
N ARG A 233 -11.33 -10.59 9.07
CA ARG A 233 -11.97 -11.80 8.62
C ARG A 233 -11.64 -12.03 7.15
N THR A 234 -11.83 -11.02 6.31
CA THR A 234 -11.72 -11.27 4.89
C THR A 234 -10.34 -11.00 4.31
N GLY A 235 -9.44 -10.38 5.07
CA GLY A 235 -8.16 -9.98 4.51
C GLY A 235 -8.26 -8.67 3.73
N GLY A 236 -7.12 -8.04 3.53
CA GLY A 236 -7.09 -6.76 2.86
C GLY A 236 -5.68 -6.23 2.71
N VAL A 237 -5.56 -5.18 1.90
CA VAL A 237 -4.28 -4.55 1.60
C VAL A 237 -4.38 -3.09 2.01
N LEU A 238 -3.64 -2.71 3.05
CA LEU A 238 -3.56 -1.32 3.47
C LEU A 238 -2.23 -0.72 3.05
N GLY A 239 -2.28 0.55 2.65
CA GLY A 239 -1.12 1.30 2.25
C GLY A 239 -0.80 2.39 3.25
N ILE A 240 0.37 2.26 3.86
CA ILE A 240 0.96 3.28 4.71
C ILE A 240 1.86 4.12 3.82
N LYS A 241 1.38 5.28 3.41
CA LYS A 241 2.09 6.10 2.43
C LYS A 241 3.00 7.10 3.15
N ILE A 242 4.29 7.06 2.84
CA ILE A 242 5.26 7.99 3.37
C ILE A 242 5.56 9.01 2.29
N GLY A 243 5.20 10.27 2.54
CA GLY A 243 5.35 11.35 1.57
C GLY A 243 6.49 12.28 1.95
N TRP A 244 7.32 12.63 0.97
CA TRP A 244 8.49 13.47 1.24
C TRP A 244 8.50 14.72 0.37
N VAL A 245 7.45 15.54 0.47
CA VAL A 245 7.44 16.83 -0.23
C VAL A 245 8.39 17.77 0.50
N CYS A 246 9.38 18.29 -0.20
CA CYS A 246 10.43 19.09 0.43
C CYS A 246 10.87 20.23 -0.48
N ASP A 247 11.11 21.38 0.14
CA ASP A 247 11.76 22.49 -0.52
C ASP A 247 13.22 22.50 -0.06
N LEU A 248 14.13 22.08 -0.95
CA LEU A 248 15.54 22.08 -0.60
C LEU A 248 16.19 23.45 -0.69
N ASP A 249 15.48 24.46 -1.22
CA ASP A 249 15.87 25.84 -0.95
C ASP A 249 15.82 26.12 0.55
N LYS A 250 14.78 25.63 1.21
CA LYS A 250 14.54 25.84 2.63
C LYS A 250 15.49 24.99 3.46
N ALA A 251 15.52 25.27 4.76
CA ALA A 251 16.45 24.59 5.66
C ALA A 251 16.16 23.09 5.71
N TRP A 252 17.20 22.33 6.07
CA TRP A 252 17.12 20.87 6.13
C TRP A 252 16.03 20.40 7.09
N ASP A 253 15.87 21.08 8.23
CA ASP A 253 14.89 20.72 9.24
C ASP A 253 13.46 20.77 8.71
N GLN A 254 13.29 21.16 7.44
CA GLN A 254 11.98 21.33 6.84
C GLN A 254 11.61 20.21 5.87
N CYS A 255 12.55 19.32 5.55
CA CYS A 255 12.25 18.13 4.75
C CYS A 255 11.64 17.08 5.65
N ILE A 256 10.31 17.07 5.74
CA ILE A 256 9.64 16.30 6.78
C ILE A 256 8.73 15.26 6.13
N PRO A 257 8.68 14.02 6.64
CA PRO A 257 7.77 13.03 6.07
C PRO A 257 6.35 13.18 6.62
N LYS A 258 5.38 13.08 5.72
CA LYS A 258 3.97 13.13 6.07
C LYS A 258 3.34 11.78 5.72
N TYR A 259 2.72 11.14 6.70
CA TYR A 259 2.12 9.82 6.50
C TYR A 259 0.65 9.95 6.14
N SER A 260 0.19 9.07 5.25
CA SER A 260 -1.22 8.93 4.91
C SER A 260 -1.56 7.45 4.89
N PHE A 261 -2.85 7.14 4.80
CA PHE A 261 -3.30 5.77 4.97
C PHE A 261 -4.49 5.52 4.05
N THR A 262 -4.44 4.41 3.29
CA THR A 262 -5.57 4.11 2.44
C THR A 262 -5.70 2.60 2.26
N ARG A 263 -6.91 2.14 1.87
CA ARG A 263 -7.20 0.73 1.60
C ARG A 263 -7.06 0.52 0.10
N LEU A 264 -6.09 -0.31 -0.30
CA LEU A 264 -5.76 -0.47 -1.71
C LEU A 264 -6.59 -1.54 -2.39
N ASP A 265 -6.97 -2.60 -1.68
CA ASP A 265 -7.96 -3.53 -2.21
C ASP A 265 -9.38 -2.96 -2.09
N SER A 266 -9.51 -1.67 -2.40
CA SER A 266 -10.79 -0.98 -2.39
C SER A 266 -11.81 -1.74 -3.23
N VAL A 267 -13.05 -1.74 -2.77
CA VAL A 267 -14.07 -2.62 -3.28
C VAL A 267 -14.94 -1.80 -4.23
N SER A 268 -14.78 -2.04 -5.53
CA SER A 268 -15.70 -1.49 -6.51
C SER A 268 -17.05 -2.17 -6.40
N GLU A 269 -18.10 -1.44 -6.77
CA GLU A 269 -19.46 -1.96 -6.60
C GLU A 269 -19.71 -3.17 -7.47
N LYS A 270 -19.05 -3.26 -8.62
CA LYS A 270 -19.36 -4.31 -9.59
C LYS A 270 -18.94 -5.69 -9.09
N SER A 271 -17.77 -5.79 -8.48
CA SER A 271 -17.25 -7.03 -7.89
C SER A 271 -17.02 -8.04 -9.02
N SER A 272 -17.61 -9.24 -8.95
CA SER A 272 -17.38 -10.43 -9.80
C SER A 272 -16.14 -11.19 -9.37
N VAL A 273 -15.39 -10.72 -8.37
CA VAL A 273 -14.27 -11.43 -7.79
C VAL A 273 -14.34 -11.26 -6.28
N SER A 274 -14.01 -12.32 -5.55
CA SER A 274 -14.09 -12.30 -4.10
C SER A 274 -13.13 -11.25 -3.52
N PRO A 275 -13.62 -10.30 -2.72
CA PRO A 275 -12.70 -9.33 -2.11
C PRO A 275 -11.85 -9.96 -1.02
N GLY A 276 -10.93 -9.19 -0.47
CA GLY A 276 -10.07 -9.71 0.58
C GLY A 276 -8.75 -10.23 0.03
N TYR A 277 -7.98 -10.84 0.94
CA TYR A 277 -6.62 -11.23 0.63
C TYR A 277 -6.30 -12.54 1.33
N ASN A 278 -5.92 -13.55 0.54
CA ASN A 278 -5.62 -14.87 1.08
C ASN A 278 -4.59 -15.56 0.19
N PHE A 279 -3.75 -16.38 0.80
CA PHE A 279 -2.73 -17.12 0.07
C PHE A 279 -2.39 -18.39 0.83
N ARG A 280 -2.05 -19.44 0.10
CA ARG A 280 -1.74 -20.73 0.71
C ARG A 280 -0.23 -20.92 0.81
N PHE A 281 0.16 -21.79 1.73
CA PHE A 281 1.54 -22.26 1.86
C PHE A 281 1.51 -23.47 2.78
N ALA A 282 2.54 -24.30 2.71
CA ALA A 282 2.53 -25.57 3.41
C ALA A 282 3.73 -25.69 4.35
N LYS A 283 3.49 -26.26 5.52
CA LYS A 283 4.57 -26.69 6.40
C LYS A 283 4.87 -28.15 6.07
N TYR A 284 6.12 -28.43 5.69
CA TYR A 284 6.48 -29.70 5.08
C TYR A 284 7.14 -30.61 6.10
N TYR A 285 6.53 -31.76 6.35
CA TYR A 285 7.05 -32.76 7.27
C TYR A 285 7.33 -34.06 6.53
N LYS A 286 8.20 -34.87 7.12
CA LYS A 286 8.55 -36.18 6.58
C LYS A 286 8.43 -37.22 7.68
N MET A 287 7.88 -38.37 7.33
CA MET A 287 7.61 -39.40 8.32
C MET A 287 8.90 -40.05 8.80
N GLU A 288 8.84 -40.60 10.02
CA GLU A 288 9.86 -41.55 10.45
C GLU A 288 9.89 -42.75 9.51
N ASN A 289 8.75 -43.09 8.90
CA ASN A 289 8.73 -44.14 7.89
C ASN A 289 9.56 -43.73 6.67
N GLY A 290 9.39 -42.50 6.22
CA GLY A 290 10.09 -42.01 5.05
C GLY A 290 9.21 -41.18 4.13
N SER A 291 7.94 -41.55 4.03
CA SER A 291 7.01 -40.82 3.17
C SER A 291 6.86 -39.38 3.65
N GLU A 292 6.26 -38.57 2.80
CA GLU A 292 6.18 -37.13 3.01
C GLU A 292 4.75 -36.68 3.24
N TYR A 293 4.57 -35.65 4.05
CA TYR A 293 3.23 -35.17 4.37
C TYR A 293 3.32 -33.72 4.84
N ARG A 294 2.36 -32.91 4.42
CA ARG A 294 2.39 -31.48 4.68
C ARG A 294 1.14 -31.03 5.42
N THR A 295 1.21 -29.83 5.98
CA THR A 295 0.06 -29.12 6.52
C THR A 295 -0.19 -27.91 5.61
N LEU A 296 -1.32 -27.93 4.91
CA LEU A 296 -1.68 -26.89 3.96
C LEU A 296 -2.45 -25.79 4.67
N LEU A 297 -1.97 -24.55 4.54
CA LEU A 297 -2.52 -23.40 5.25
C LEU A 297 -3.02 -22.38 4.23
N LYS A 298 -4.32 -22.06 4.30
CA LYS A 298 -4.89 -20.96 3.56
C LYS A 298 -5.01 -19.77 4.51
N ALA A 299 -4.24 -18.72 4.25
CA ALA A 299 -4.05 -17.63 5.19
C ALA A 299 -4.75 -16.37 4.72
N PHE A 300 -5.49 -15.75 5.64
CA PHE A 300 -6.11 -14.44 5.48
C PHE A 300 -5.49 -13.47 6.47
N GLY A 301 -5.22 -12.25 6.00
CA GLY A 301 -4.65 -11.25 6.88
C GLY A 301 -4.57 -9.92 6.17
N ILE A 302 -3.97 -8.95 6.87
CA ILE A 302 -3.83 -7.59 6.36
C ILE A 302 -2.42 -7.44 5.81
N ARG A 303 -2.31 -7.26 4.50
CA ARG A 303 -1.04 -6.89 3.90
C ARG A 303 -0.83 -5.39 4.00
N PHE A 304 0.39 -4.99 4.33
CA PHE A 304 0.74 -3.59 4.48
C PHE A 304 1.76 -3.21 3.43
N ASP A 305 1.48 -2.13 2.69
CA ASP A 305 2.32 -1.67 1.59
C ASP A 305 2.81 -0.27 1.92
N VAL A 306 4.03 -0.17 2.46
CA VAL A 306 4.65 1.13 2.70
C VAL A 306 5.05 1.72 1.36
N LEU A 307 4.32 2.75 0.92
CA LEU A 307 4.52 3.36 -0.39
C LEU A 307 5.14 4.74 -0.18
N VAL A 308 6.42 4.87 -0.56
CA VAL A 308 7.15 6.10 -0.34
C VAL A 308 7.06 6.97 -1.58
N TYR A 309 6.58 8.20 -1.39
CA TYR A 309 6.64 9.24 -2.41
C TYR A 309 7.46 10.42 -1.90
N GLY A 310 8.03 11.17 -2.84
CA GLY A 310 8.71 12.39 -2.51
C GLY A 310 9.03 13.17 -3.76
N ASN A 311 9.14 14.49 -3.58
CA ASN A 311 9.59 15.35 -4.67
C ASN A 311 10.22 16.59 -4.05
N ALA A 312 11.41 16.93 -4.51
CA ALA A 312 12.19 18.02 -3.95
C ALA A 312 12.41 19.08 -5.02
N GLY A 313 12.35 20.35 -4.61
CA GLY A 313 12.62 21.45 -5.50
C GLY A 313 13.91 22.15 -5.09
N LYS A 314 14.61 22.69 -6.07
CA LYS A 314 15.77 23.53 -5.77
C LYS A 314 15.88 24.63 -6.80
N PHE A 315 16.35 25.80 -6.36
CA PHE A 315 16.69 26.86 -7.29
C PHE A 315 17.71 26.35 -8.29
N ASN A 316 17.58 26.77 -9.54
CA ASN A 316 18.56 26.42 -10.55
C ASN A 316 18.54 27.49 -11.64
N ILE A 317 19.71 27.75 -12.21
CA ILE A 317 19.87 28.91 -13.09
C ILE A 317 18.96 28.82 -14.30
N ILE A 318 18.74 27.62 -14.82
CA ILE A 318 18.02 27.44 -16.09
C ILE A 318 16.51 27.63 -15.89
N PRO A 319 15.85 26.94 -14.95
CA PRO A 319 14.42 27.22 -14.77
C PRO A 319 14.14 28.63 -14.27
N THR A 320 15.07 29.23 -13.52
CA THR A 320 14.89 30.63 -13.12
C THR A 320 14.94 31.55 -14.33
N ILE A 321 15.92 31.34 -15.22
CA ILE A 321 16.01 32.17 -16.42
C ILE A 321 14.79 32.00 -17.30
N ILE A 322 14.35 30.75 -17.51
CA ILE A 322 13.20 30.50 -18.37
C ILE A 322 11.94 31.12 -17.78
N SER A 323 11.72 30.90 -16.49
CA SER A 323 10.57 31.51 -15.81
C SER A 323 10.61 33.03 -15.91
N SER A 324 11.78 33.62 -15.70
CA SER A 324 11.93 35.07 -15.75
C SER A 324 11.58 35.60 -17.13
N VAL A 325 12.22 35.06 -18.17
CA VAL A 325 11.95 35.48 -19.54
C VAL A 325 10.46 35.38 -19.84
N ALA A 326 9.83 34.27 -19.43
CA ALA A 326 8.39 34.13 -19.58
C ALA A 326 7.64 35.30 -18.95
N ALA A 327 8.04 35.68 -17.74
CA ALA A 327 7.39 36.80 -17.05
C ALA A 327 7.56 38.11 -17.82
N PHE A 328 8.81 38.43 -18.18
CA PHE A 328 9.10 39.65 -18.93
C PHE A 328 8.23 39.77 -20.17
N THR A 329 8.27 38.75 -21.04
CA THR A 329 7.50 38.84 -22.28
C THR A 329 6.00 38.92 -22.00
N SER A 330 5.52 38.13 -21.03
CA SER A 330 4.09 38.12 -20.75
C SER A 330 3.60 39.50 -20.30
N VAL A 331 4.40 40.21 -19.50
CA VAL A 331 4.02 41.57 -19.13
C VAL A 331 4.14 42.51 -20.32
N GLY A 332 5.22 42.36 -21.10
CA GLY A 332 5.40 43.21 -22.26
C GLY A 332 4.23 43.16 -23.23
N VAL A 333 3.58 42.01 -23.34
CA VAL A 333 2.38 41.92 -24.16
C VAL A 333 1.16 42.39 -23.38
N GLY A 334 1.11 42.10 -22.07
CA GLY A 334 -0.04 42.49 -21.27
C GLY A 334 -0.27 43.99 -21.25
N THR A 335 0.82 44.78 -21.28
CA THR A 335 0.67 46.23 -21.27
C THR A 335 0.23 46.78 -22.62
N VAL A 336 0.63 46.13 -23.72
CA VAL A 336 0.17 46.55 -25.03
C VAL A 336 -1.31 46.26 -25.21
N LEU A 337 -1.75 45.06 -24.82
CA LEU A 337 -3.17 44.74 -24.93
C LEU A 337 -4.01 45.53 -23.93
N CYS A 338 -3.46 45.82 -22.74
CA CYS A 338 -4.17 46.71 -21.82
C CYS A 338 -4.24 48.13 -22.38
N ASP A 339 -3.22 48.55 -23.14
CA ASP A 339 -3.27 49.86 -23.78
C ASP A 339 -4.33 49.90 -24.88
N ILE A 340 -4.49 48.82 -25.63
CA ILE A 340 -5.51 48.83 -26.69
C ILE A 340 -6.91 48.76 -26.09
N ILE A 341 -7.09 47.95 -25.04
CA ILE A 341 -8.40 47.85 -24.40
C ILE A 341 -8.78 49.17 -23.72
N LEU A 342 -7.79 49.83 -23.10
CA LEU A 342 -8.07 51.11 -22.45
C LEU A 342 -8.35 52.21 -23.47
N LEU A 343 -7.50 52.30 -24.51
CA LEU A 343 -7.67 53.34 -25.51
C LEU A 343 -9.00 53.21 -26.24
N ASN A 344 -9.36 51.99 -26.65
CA ASN A 344 -10.66 51.79 -27.28
C ASN A 344 -11.80 51.89 -26.28
N PHE A 345 -11.51 51.73 -24.99
CA PHE A 345 -12.41 51.94 -23.84
C PHE A 345 -13.45 50.83 -23.66
N LEU A 346 -13.41 49.77 -24.45
CA LEU A 346 -14.35 48.67 -24.27
C LEU A 346 -13.63 47.32 -24.23
MG MG B . -10.02 -25.43 -3.26
NA NA C . 10.75 31.07 -22.51
C1 NAG D . -5.55 -3.29 23.68
C2 NAG D . -6.80 -4.16 23.83
C3 NAG D . -7.78 -3.49 24.80
C4 NAG D . -7.10 -3.16 26.12
C5 NAG D . -5.84 -2.33 25.86
C6 NAG D . -5.03 -2.07 27.11
C7 NAG D . -7.93 -5.58 22.17
C8 NAG D . -8.55 -5.64 20.81
N2 NAG D . -7.45 -4.39 22.54
O3 NAG D . -8.90 -4.35 25.03
O4 NAG D . -7.96 -2.43 26.97
O5 NAG D . -4.97 -3.05 24.96
O6 NAG D . -4.04 -1.07 26.88
O7 NAG D . -7.86 -6.57 22.90
C1 NAG E . 4.91 -45.22 5.77
C2 NAG E . 4.34 -45.75 4.44
C3 NAG E . 2.95 -45.19 4.18
C4 NAG E . 2.04 -45.46 5.36
C5 NAG E . 2.66 -44.86 6.62
C6 NAG E . 1.85 -45.12 7.87
C7 NAG E . 5.51 -46.33 2.36
C8 NAG E . 6.44 -45.86 1.29
N2 NAG E . 5.24 -45.46 3.33
O3 NAG E . 2.41 -45.81 3.01
O4 NAG E . 0.76 -44.88 5.14
O5 NAG E . 3.96 -45.45 6.83
O6 NAG E . 2.63 -44.94 9.03
O7 NAG E . 5.01 -47.45 2.33
S1 AF9 F . -10.03 -6.91 -5.44
O2 AF9 F . -6.69 -3.29 -7.17
O3 AF9 F . -7.71 -7.44 -3.55
O4 AF9 F . -10.01 -8.17 -4.69
O5 AF9 F . -10.36 -7.40 -6.77
N6 AF9 F . -11.27 -5.87 -4.85
N7 AF9 F . -8.97 -1.85 -9.41
N8 AF9 F . -9.74 -1.25 -7.23
N9 AF9 F . -7.09 -3.10 -9.80
N10 AF9 F . -10.90 -0.54 -9.22
C11 AF9 F . -4.67 -3.98 -5.28
C12 AF9 F . -6.01 -4.71 -5.34
C13 AF9 F . -6.97 -4.34 -6.26
C14 AF9 F . -6.26 -5.74 -4.44
C15 AF9 F . -8.44 -6.04 -5.39
C16 AF9 F . -3.70 -4.59 -6.29
C17 AF9 F . -4.08 -4.11 -3.88
C18 AF9 F . -7.48 -6.41 -4.47
C19 AF9 F . -8.19 -5.03 -6.29
C20 AF9 F . -7.82 -2.56 -7.59
C21 AF9 F . -6.58 -8.22 -3.25
C22 AF9 F . -8.02 -2.45 -8.91
C23 AF9 F . -8.66 -1.94 -6.65
C24 AF9 F . -9.80 -1.26 -8.60
#